data_6NII
#
_entry.id   6NII
#
_cell.length_a   142.335
_cell.length_b   142.335
_cell.length_c   55.215
_cell.angle_alpha   90.000
_cell.angle_beta   90.000
_cell.angle_gamma   120.000
#
_symmetry.space_group_name_H-M   'H 3'
#
loop_
_entity.id
_entity.type
_entity.pdbx_description
1 polymer 'Uncharacterized protein RavD'
2 water water
#
_entity_poly.entity_id   1
_entity_poly.type   'polypeptide(L)'
_entity_poly.pdbx_seq_one_letter_code
;GPLGSMNLKAEVFLNQNCAEMMIKKAAQLILGSDLDFEYTRGVQDIQVDLGPAFMFSPDEEKTLWVSGKNQETLEKDLAT
LNKSSVYFFRTGTQGGAGHWQVLYYEAAKSGWVSYSSQSNHFQVTDSNGKLTASGKGLLVPHANWGKENGNYAFLLVNAS
AENIIHAANFVYILRTQNEVAAIEYCALNHEFHPEIKRTARAKAE
;
_entity_poly.pdbx_strand_id   B,A
#
# COMPACT_ATOMS: atom_id res chain seq x y z
N CYS A 18 19.05 -11.56 7.41
CA CYS A 18 19.56 -10.15 7.24
C CYS A 18 18.70 -9.31 6.27
N ALA A 19 18.50 -9.79 5.05
CA ALA A 19 17.43 -9.24 4.21
C ALA A 19 16.10 -9.36 4.98
N GLU A 20 15.93 -10.50 5.65
CA GLU A 20 14.77 -10.73 6.51
C GLU A 20 14.57 -9.67 7.61
N MET A 21 15.65 -9.09 8.11
CA MET A 21 15.56 -8.09 9.19
C MET A 21 14.81 -6.84 8.75
N MET A 22 15.14 -6.25 7.60
CA MET A 22 14.40 -5.06 7.16
C MET A 22 12.92 -5.40 6.81
N ILE A 23 12.66 -6.63 6.37
CA ILE A 23 11.30 -7.07 6.02
C ILE A 23 10.47 -7.19 7.32
N LYS A 24 11.05 -7.83 8.33
CA LYS A 24 10.46 -7.91 9.68
C LYS A 24 10.15 -6.54 10.24
N LYS A 25 11.07 -5.60 10.04
CA LYS A 25 10.87 -4.22 10.47
C LYS A 25 9.70 -3.58 9.74
N ALA A 26 9.65 -3.73 8.41
CA ALA A 26 8.49 -3.25 7.61
C ALA A 26 7.18 -3.82 8.15
N ALA A 27 7.17 -5.13 8.40
CA ALA A 27 5.99 -5.80 8.96
C ALA A 27 5.55 -5.21 10.31
N GLN A 28 6.51 -4.95 11.19
CA GLN A 28 6.19 -4.35 12.49
C GLN A 28 5.47 -3.01 12.34
N LEU A 29 5.98 -2.17 11.46
CA LEU A 29 5.45 -0.81 11.24
C LEU A 29 4.13 -0.78 10.47
N ILE A 30 3.96 -1.62 9.46
CA ILE A 30 2.77 -1.57 8.60
C ILE A 30 1.71 -2.63 8.97
N LEU A 31 2.15 -3.85 9.28
CA LEU A 31 1.23 -4.95 9.61
C LEU A 31 1.00 -5.15 11.09
N GLY A 32 1.71 -4.40 11.93
CA GLY A 32 1.62 -4.55 13.40
C GLY A 32 1.99 -5.95 13.87
N SER A 33 2.98 -6.56 13.21
CA SER A 33 3.26 -7.97 13.42
C SER A 33 4.72 -8.38 13.28
N ASP A 34 5.05 -9.46 13.98
CA ASP A 34 6.34 -10.14 13.86
C ASP A 34 6.24 -11.20 12.77
N LEU A 35 7.31 -11.35 11.98
CA LEU A 35 7.44 -12.46 11.01
C LEU A 35 8.50 -13.44 11.50
N ASP A 36 8.17 -14.73 11.47
CA ASP A 36 9.12 -15.80 11.75
C ASP A 36 9.28 -16.66 10.47
N PHE A 37 10.48 -16.62 9.89
CA PHE A 37 10.82 -17.41 8.70
C PHE A 37 11.27 -18.81 9.17
N GLU A 38 10.38 -19.79 9.08
CA GLU A 38 10.66 -21.12 9.62
C GLU A 38 11.58 -21.89 8.69
N TYR A 39 12.88 -21.58 8.76
CA TYR A 39 13.91 -22.25 7.94
C TYR A 39 14.34 -23.60 8.54
N THR A 40 13.74 -24.69 8.06
CA THR A 40 14.19 -26.07 8.39
C THR A 40 14.97 -26.65 7.19
N ARG A 41 16.08 -26.01 6.85
CA ARG A 41 16.82 -26.16 5.58
C ARG A 41 16.08 -25.51 4.38
N ILE A 46 24.32 -17.23 1.57
CA ILE A 46 24.43 -16.11 0.64
C ILE A 46 23.76 -14.85 1.23
N GLN A 47 23.77 -13.76 0.46
CA GLN A 47 22.90 -12.61 0.76
C GLN A 47 22.27 -12.05 -0.54
N VAL A 48 21.09 -11.49 -0.32
CA VAL A 48 20.06 -11.33 -1.31
C VAL A 48 20.05 -9.92 -1.87
N ASP A 49 19.81 -9.82 -3.18
CA ASP A 49 19.41 -8.56 -3.80
C ASP A 49 17.88 -8.60 -3.82
N LEU A 50 17.25 -7.66 -3.10
CA LEU A 50 15.78 -7.59 -2.99
C LEU A 50 15.07 -7.10 -4.23
N GLY A 51 15.77 -6.31 -5.07
CA GLY A 51 15.25 -5.73 -6.32
C GLY A 51 14.18 -6.55 -7.04
N PRO A 52 14.50 -7.81 -7.39
CA PRO A 52 13.53 -8.63 -8.10
C PRO A 52 12.22 -8.93 -7.33
N ALA A 53 12.20 -8.81 -6.01
CA ALA A 53 10.95 -8.98 -5.27
C ALA A 53 9.89 -7.96 -5.64
N PHE A 54 10.32 -6.85 -6.26
CA PHE A 54 9.40 -5.76 -6.56
C PHE A 54 9.08 -5.64 -8.04
N MET A 55 9.33 -6.68 -8.82
CA MET A 55 9.06 -6.63 -10.27
C MET A 55 7.58 -6.65 -10.54
N PHE A 56 6.83 -7.30 -9.66
CA PHE A 56 5.39 -7.34 -9.81
C PHE A 56 4.69 -6.25 -9.03
N SER A 57 5.42 -5.22 -8.56
CA SER A 57 4.79 -4.09 -7.94
C SER A 57 4.43 -3.05 -9.02
N PRO A 58 3.23 -2.48 -8.93
CA PRO A 58 2.85 -1.50 -9.94
C PRO A 58 3.73 -0.23 -9.91
N ASP A 59 3.77 0.47 -11.03
CA ASP A 59 4.53 1.73 -11.12
C ASP A 59 4.00 2.82 -10.19
N GLU A 60 2.71 2.74 -9.85
CA GLU A 60 2.09 3.68 -8.92
C GLU A 60 2.67 3.59 -7.48
N GLU A 61 3.36 2.50 -7.14
CA GLU A 61 4.05 2.38 -5.85
C GLU A 61 5.57 2.62 -5.91
N LYS A 62 6.04 3.09 -7.05
CA LYS A 62 7.46 3.29 -7.28
C LYS A 62 7.75 4.74 -7.66
N THR A 63 8.73 5.34 -6.96
CA THR A 63 9.18 6.70 -7.26
C THR A 63 10.70 6.74 -7.29
N LEU A 64 11.23 7.35 -8.34
CA LEU A 64 12.65 7.51 -8.53
C LEU A 64 13.03 8.95 -8.25
N TRP A 65 13.92 9.16 -7.26
CA TRP A 65 14.50 10.49 -6.99
C TRP A 65 15.87 10.60 -7.65
N VAL A 66 16.20 11.81 -8.11
CA VAL A 66 17.49 12.11 -8.74
C VAL A 66 18.15 13.33 -8.06
N SER A 67 17.89 13.49 -6.76
CA SER A 67 18.19 14.74 -6.04
C SER A 67 19.44 14.67 -5.12
N GLY A 68 20.31 13.69 -5.35
CA GLY A 68 21.45 13.45 -4.46
C GLY A 68 22.77 14.15 -4.75
N LYS A 69 22.81 15.03 -5.76
CA LYS A 69 23.97 15.92 -5.96
C LYS A 69 24.04 16.95 -4.84
N ASN A 70 22.89 17.57 -4.55
CA ASN A 70 22.78 18.67 -3.60
C ASN A 70 21.98 18.30 -2.35
N GLN A 71 22.50 18.73 -1.20
CA GLN A 71 21.81 18.62 0.09
C GLN A 71 20.38 19.16 0.04
N GLU A 72 20.23 20.38 -0.51
CA GLU A 72 18.93 21.08 -0.55
C GLU A 72 17.80 20.26 -1.20
N THR A 73 18.04 19.78 -2.42
CA THR A 73 17.01 19.05 -3.18
C THR A 73 16.54 17.73 -2.52
N LEU A 74 17.46 17.04 -1.85
CA LEU A 74 17.17 15.78 -1.15
C LEU A 74 16.25 16.01 0.06
N GLU A 75 16.49 17.11 0.77
CA GLU A 75 15.68 17.50 1.94
C GLU A 75 14.25 17.86 1.57
N LYS A 76 14.05 18.43 0.37
CA LYS A 76 12.70 18.75 -0.13
C LYS A 76 12.05 17.54 -0.82
N ASP A 77 12.84 16.57 -1.26
CA ASP A 77 12.30 15.24 -1.61
C ASP A 77 11.75 14.59 -0.34
N LEU A 78 12.58 14.48 0.69
CA LEU A 78 12.17 13.87 1.96
C LEU A 78 10.94 14.57 2.56
N ALA A 79 10.84 15.89 2.41
CA ALA A 79 9.69 16.65 2.90
C ALA A 79 8.35 16.34 2.20
N THR A 80 8.38 15.81 0.97
CA THR A 80 7.15 15.42 0.26
C THR A 80 6.50 14.12 0.75
N LEU A 81 7.20 13.36 1.61
CA LEU A 81 6.68 12.09 2.14
C LEU A 81 5.81 12.25 3.39
N ASN A 82 4.74 11.46 3.45
CA ASN A 82 3.90 11.35 4.64
C ASN A 82 4.64 10.56 5.71
N LYS A 83 4.49 10.98 6.96
CA LYS A 83 5.30 10.45 8.05
C LYS A 83 4.70 9.25 8.79
N SER A 84 3.61 8.69 8.25
CA SER A 84 3.10 7.39 8.68
C SER A 84 3.25 6.29 7.58
N SER A 85 3.91 6.64 6.48
CA SER A 85 4.19 5.71 5.37
C SER A 85 5.63 5.19 5.42
N VAL A 86 5.81 3.96 4.92
CA VAL A 86 7.06 3.22 5.04
C VAL A 86 7.47 2.75 3.65
N TYR A 87 8.79 2.79 3.37
CA TYR A 87 9.29 2.44 2.05
C TYR A 87 10.47 1.51 2.13
N PHE A 88 10.60 0.70 1.09
CA PHE A 88 11.83 -0.01 0.76
C PHE A 88 12.62 0.96 -0.11
N PHE A 89 13.84 1.24 0.31
CA PHE A 89 14.61 2.38 -0.17
C PHE A 89 15.91 1.85 -0.72
N ARG A 90 16.15 2.07 -2.01
CA ARG A 90 17.37 1.58 -2.65
C ARG A 90 18.30 2.74 -2.91
N THR A 91 19.53 2.63 -2.42
CA THR A 91 20.63 3.53 -2.83
C THR A 91 21.56 2.79 -3.78
N GLY A 92 22.26 3.54 -4.62
CA GLY A 92 23.21 3.00 -5.58
C GLY A 92 22.93 3.53 -6.96
N THR A 93 23.55 2.91 -7.96
CA THR A 93 23.40 3.34 -9.35
C THR A 93 22.31 2.57 -10.06
N GLN A 94 21.70 3.25 -11.03
CA GLN A 94 20.71 2.67 -11.93
C GLN A 94 21.33 1.56 -12.75
N GLY A 95 20.76 0.35 -12.64
CA GLY A 95 21.29 -0.86 -13.28
C GLY A 95 22.44 -1.54 -12.55
N GLY A 96 22.83 -0.99 -11.40
CA GLY A 96 24.03 -1.43 -10.72
C GLY A 96 23.71 -2.22 -9.48
N ALA A 97 24.67 -2.22 -8.56
CA ALA A 97 24.48 -2.76 -7.23
C ALA A 97 23.59 -1.80 -6.44
N GLY A 98 22.61 -2.36 -5.74
CA GLY A 98 21.72 -1.60 -4.87
C GLY A 98 21.94 -1.95 -3.42
N HIS A 99 21.80 -0.97 -2.55
CA HIS A 99 21.70 -1.22 -1.12
C HIS A 99 20.27 -0.93 -0.71
N TRP A 100 19.56 -1.98 -0.27
CA TRP A 100 18.17 -1.87 0.17
C TRP A 100 18.11 -1.68 1.66
N GLN A 101 17.20 -0.79 2.05
CA GLN A 101 16.90 -0.54 3.46
C GLN A 101 15.46 -0.10 3.55
N VAL A 102 14.94 -0.03 4.77
CA VAL A 102 13.61 0.50 4.96
C VAL A 102 13.71 1.92 5.50
N LEU A 103 12.98 2.82 4.86
CA LEU A 103 12.86 4.20 5.23
C LEU A 103 11.51 4.41 5.95
N TYR A 104 11.55 5.06 7.11
CA TYR A 104 10.35 5.35 7.88
C TYR A 104 10.57 6.54 8.81
N TYR A 105 9.49 7.23 9.18
CA TYR A 105 9.59 8.37 10.10
C TYR A 105 9.38 7.90 11.54
N GLU A 106 10.39 8.09 12.38
CA GLU A 106 10.29 7.72 13.79
C GLU A 106 9.85 8.91 14.62
N ALA A 107 8.61 8.87 15.12
CA ALA A 107 8.00 9.98 15.88
C ALA A 107 8.83 10.42 17.10
N ALA A 108 9.34 9.44 17.85
CA ALA A 108 10.15 9.68 19.06
C ALA A 108 11.40 10.53 18.80
N LYS A 109 12.15 10.18 17.76
CA LYS A 109 13.38 10.89 17.37
C LYS A 109 13.14 12.03 16.35
N SER A 110 11.86 12.34 16.04
CA SER A 110 11.49 13.39 15.09
C SER A 110 12.35 13.40 13.80
N GLY A 111 12.40 12.27 13.09
CA GLY A 111 13.13 12.19 11.83
C GLY A 111 12.97 10.91 11.02
N TRP A 112 13.38 10.98 9.75
CA TRP A 112 13.42 9.82 8.84
C TRP A 112 14.63 8.95 9.15
N VAL A 113 14.40 7.65 9.21
CA VAL A 113 15.41 6.66 9.60
C VAL A 113 15.55 5.61 8.51
N SER A 114 16.78 5.18 8.28
CA SER A 114 17.09 4.09 7.37
C SER A 114 17.55 2.89 8.19
N TYR A 115 16.89 1.75 7.96
CA TYR A 115 17.12 0.54 8.74
C TYR A 115 17.42 -0.59 7.76
N SER A 116 18.65 -1.07 7.81
CA SER A 116 19.08 -2.23 7.04
C SER A 116 19.02 -3.52 7.87
N SER A 117 19.36 -3.42 9.16
CA SER A 117 19.41 -4.58 10.06
C SER A 117 19.55 -4.10 11.50
N GLN A 118 19.65 -5.03 12.44
CA GLN A 118 19.83 -4.66 13.87
C GLN A 118 21.09 -3.84 14.10
N SER A 119 22.18 -4.30 13.50
CA SER A 119 23.47 -3.60 13.56
C SER A 119 23.49 -2.28 12.79
N ASN A 120 22.95 -2.28 11.57
CA ASN A 120 23.07 -1.16 10.63
C ASN A 120 21.77 -0.36 10.49
N HIS A 121 21.73 0.78 11.17
CA HIS A 121 20.67 1.77 10.96
C HIS A 121 21.14 3.15 11.41
N PHE A 122 20.58 4.21 10.82
CA PHE A 122 20.96 5.57 11.15
C PHE A 122 19.82 6.53 10.85
N GLN A 123 19.75 7.64 11.61
CA GLN A 123 18.78 8.69 11.37
C GLN A 123 19.20 9.49 10.15
N VAL A 124 18.24 10.01 9.39
CA VAL A 124 18.53 10.71 8.12
C VAL A 124 18.25 12.22 8.17
N THR A 125 17.17 12.62 8.84
CA THR A 125 16.78 14.03 8.96
C THR A 125 16.77 14.49 10.42
N ASP A 126 16.99 15.80 10.60
CA ASP A 126 16.95 16.47 11.91
C ASP A 126 15.52 16.74 12.33
N SER A 127 15.37 17.26 13.54
CA SER A 127 14.06 17.60 14.12
C SER A 127 13.17 18.46 13.19
N ASN A 128 13.79 19.37 12.43
CA ASN A 128 13.07 20.23 11.48
C ASN A 128 13.45 19.99 10.00
N GLY A 129 13.63 18.72 9.63
CA GLY A 129 13.62 18.31 8.23
C GLY A 129 14.85 18.52 7.35
N LYS A 130 16.01 18.79 7.93
CA LYS A 130 17.26 18.87 7.15
C LYS A 130 18.17 17.71 7.50
N LEU A 131 19.12 17.40 6.63
CA LEU A 131 19.94 16.21 6.78
C LEU A 131 20.82 16.20 8.02
N THR A 132 20.83 15.07 8.72
CA THR A 132 21.83 14.80 9.75
C THR A 132 23.15 14.42 9.09
N ALA A 133 24.17 14.19 9.91
CA ALA A 133 25.53 13.96 9.44
C ALA A 133 25.65 12.62 8.72
N SER A 134 25.02 11.60 9.31
CA SER A 134 24.90 10.28 8.67
C SER A 134 24.12 10.38 7.36
N GLY A 135 23.06 11.20 7.36
CA GLY A 135 22.19 11.40 6.21
C GLY A 135 22.86 12.05 5.02
N LYS A 136 23.80 12.97 5.27
CA LYS A 136 24.61 13.60 4.20
C LYS A 136 25.51 12.60 3.47
N GLY A 137 25.81 11.48 4.13
CA GLY A 137 26.35 10.27 3.47
C GLY A 137 25.55 9.73 2.28
N LEU A 138 24.26 10.05 2.20
CA LEU A 138 23.46 9.67 1.03
C LEU A 138 23.83 10.47 -0.24
N LEU A 139 24.35 11.69 -0.08
CA LEU A 139 24.77 12.51 -1.24
C LEU A 139 26.05 11.95 -1.85
N VAL A 140 26.18 12.12 -3.17
CA VAL A 140 27.49 12.05 -3.84
C VAL A 140 27.58 13.28 -4.76
N PRO A 141 28.11 14.41 -4.22
CA PRO A 141 28.20 15.69 -4.94
C PRO A 141 28.87 15.68 -6.31
N HIS A 142 29.87 14.82 -6.50
CA HIS A 142 30.69 14.82 -7.71
C HIS A 142 30.38 13.61 -8.58
N ALA A 143 29.08 13.42 -8.84
CA ALA A 143 28.60 12.33 -9.69
C ALA A 143 27.34 12.74 -10.42
N ASN A 144 26.98 11.99 -11.46
CA ASN A 144 25.78 12.26 -12.25
C ASN A 144 24.56 11.57 -11.65
N TRP A 145 23.49 12.34 -11.42
CA TRP A 145 22.23 11.82 -10.90
C TRP A 145 21.15 11.89 -11.97
N GLY A 146 20.37 10.81 -12.09
CA GLY A 146 19.38 10.70 -13.17
C GLY A 146 18.72 9.33 -13.29
N LYS A 147 17.82 9.24 -14.27
CA LYS A 147 17.11 8.00 -14.59
C LYS A 147 18.00 6.99 -15.32
N GLU A 148 19.01 7.46 -16.05
CA GLU A 148 19.71 6.61 -17.03
C GLU A 148 20.74 5.67 -16.39
N ASN A 149 21.09 4.63 -17.14
CA ASN A 149 22.02 3.58 -16.69
C ASN A 149 23.36 4.20 -16.32
N GLY A 150 23.88 3.85 -15.13
CA GLY A 150 25.12 4.43 -14.60
C GLY A 150 24.94 5.58 -13.61
N ASN A 151 23.84 6.34 -13.72
CA ASN A 151 23.56 7.45 -12.81
C ASN A 151 23.24 6.95 -11.41
N TYR A 152 23.37 7.86 -10.45
CA TYR A 152 22.84 7.62 -9.12
C TYR A 152 21.35 8.03 -9.06
N ALA A 153 20.62 7.36 -8.19
CA ALA A 153 19.23 7.67 -7.91
C ALA A 153 18.81 7.02 -6.59
N PHE A 154 17.64 7.43 -6.11
CA PHE A 154 16.99 6.75 -4.99
C PHE A 154 15.68 6.15 -5.53
N LEU A 155 15.42 4.89 -5.18
CA LEU A 155 14.19 4.19 -5.58
C LEU A 155 13.41 3.96 -4.30
N LEU A 156 12.22 4.54 -4.22
CA LEU A 156 11.29 4.27 -3.13
C LEU A 156 10.18 3.32 -3.64
N VAL A 157 10.04 2.17 -2.97
CA VAL A 157 8.95 1.22 -3.21
C VAL A 157 8.10 1.24 -1.97
N ASN A 158 6.85 1.65 -2.10
CA ASN A 158 5.94 1.66 -0.97
C ASN A 158 5.97 0.32 -0.26
N ALA A 159 6.14 0.35 1.07
CA ALA A 159 6.07 -0.88 1.86
C ALA A 159 4.61 -1.18 2.23
N SER A 160 3.77 -1.35 1.20
CA SER A 160 2.39 -1.82 1.32
C SER A 160 2.40 -3.27 1.81
N ALA A 161 1.28 -3.75 2.34
CA ALA A 161 1.19 -5.17 2.74
C ALA A 161 1.63 -6.10 1.61
N GLU A 162 1.23 -5.80 0.38
CA GLU A 162 1.54 -6.70 -0.73
C GLU A 162 3.04 -6.71 -1.09
N ASN A 163 3.69 -5.57 -1.01
CA ASN A 163 5.13 -5.49 -1.21
C ASN A 163 5.97 -6.15 -0.12
N ILE A 164 5.49 -6.06 1.12
CA ILE A 164 6.09 -6.76 2.27
C ILE A 164 5.96 -8.25 2.07
N ILE A 165 4.78 -8.71 1.64
CA ILE A 165 4.51 -10.10 1.30
C ILE A 165 5.43 -10.58 0.16
N HIS A 166 5.50 -9.79 -0.91
CA HIS A 166 6.39 -10.14 -2.01
C HIS A 166 7.84 -10.29 -1.53
N ALA A 167 8.33 -9.35 -0.73
CA ALA A 167 9.70 -9.40 -0.23
C ALA A 167 9.96 -10.63 0.64
N ALA A 168 9.06 -10.90 1.58
CA ALA A 168 9.17 -12.06 2.43
C ALA A 168 9.19 -13.35 1.60
N ASN A 169 8.20 -13.51 0.73
CA ASN A 169 8.09 -14.70 -0.13
C ASN A 169 9.29 -14.86 -1.06
N PHE A 170 9.72 -13.76 -1.67
CA PHE A 170 10.88 -13.81 -2.57
C PHE A 170 12.14 -14.35 -1.85
N VAL A 171 12.43 -13.80 -0.67
CA VAL A 171 13.62 -14.18 0.08
C VAL A 171 13.51 -15.61 0.56
N TYR A 172 12.35 -15.97 1.10
CA TYR A 172 12.09 -17.33 1.56
C TYR A 172 12.26 -18.39 0.45
N ILE A 173 11.66 -18.16 -0.71
CA ILE A 173 11.77 -19.11 -1.81
C ILE A 173 13.21 -19.12 -2.38
N LEU A 174 13.85 -17.95 -2.40
CA LEU A 174 15.25 -17.86 -2.89
C LEU A 174 16.18 -18.72 -2.01
N ARG A 175 16.04 -18.63 -0.70
CA ARG A 175 16.89 -19.40 0.21
C ARG A 175 16.57 -20.89 0.21
N THR A 176 15.29 -21.25 0.20
CA THR A 176 14.91 -22.65 0.28
C THR A 176 14.93 -23.38 -1.05
N GLN A 177 15.01 -22.63 -2.16
CA GLN A 177 14.87 -23.23 -3.47
C GLN A 177 15.88 -22.52 -4.39
N ASN A 178 15.47 -21.49 -5.13
CA ASN A 178 16.35 -20.79 -6.05
C ASN A 178 15.65 -19.50 -6.54
N GLU A 179 16.40 -18.66 -7.25
CA GLU A 179 15.91 -17.34 -7.67
C GLU A 179 14.82 -17.38 -8.75
N VAL A 180 14.89 -18.38 -9.63
CA VAL A 180 13.90 -18.57 -10.68
C VAL A 180 12.57 -18.93 -10.06
N ALA A 181 12.61 -19.87 -9.13
CA ALA A 181 11.45 -20.28 -8.33
C ALA A 181 10.85 -19.11 -7.59
N ALA A 182 11.70 -18.22 -7.05
CA ALA A 182 11.26 -17.09 -6.26
C ALA A 182 10.54 -16.05 -7.07
N ILE A 183 11.04 -15.73 -8.26
CA ILE A 183 10.31 -14.83 -9.15
C ILE A 183 9.02 -15.48 -9.69
N GLU A 184 9.05 -16.77 -9.97
CA GLU A 184 7.84 -17.48 -10.39
C GLU A 184 6.75 -17.45 -9.29
N TYR A 185 7.16 -17.66 -8.05
CA TYR A 185 6.25 -17.62 -6.88
C TYR A 185 5.60 -16.26 -6.73
N CYS A 186 6.44 -15.20 -6.80
CA CYS A 186 5.97 -13.82 -6.72
C CYS A 186 5.00 -13.44 -7.85
N ALA A 187 5.15 -14.07 -9.02
CA ALA A 187 4.24 -13.86 -10.13
C ALA A 187 2.77 -14.22 -9.83
N LEU A 188 2.58 -15.23 -8.99
CA LEU A 188 1.27 -15.82 -8.73
C LEU A 188 0.70 -15.64 -7.32
N ASN A 189 1.54 -15.40 -6.30
CA ASN A 189 1.13 -15.48 -4.91
C ASN A 189 0.93 -14.14 -4.24
N HIS A 190 -0.22 -14.00 -3.59
CA HIS A 190 -0.63 -12.77 -2.99
C HIS A 190 -0.67 -12.81 -1.48
N GLU A 191 -0.37 -13.97 -0.90
CA GLU A 191 -0.38 -14.10 0.55
C GLU A 191 0.98 -14.58 1.00
N PHE A 192 1.29 -14.34 2.26
CA PHE A 192 2.47 -14.97 2.88
C PHE A 192 2.54 -16.47 2.61
N HIS A 193 3.71 -16.97 2.25
CA HIS A 193 3.99 -18.41 2.20
C HIS A 193 3.64 -18.98 3.59
N PRO A 194 3.02 -20.17 3.66
CA PRO A 194 2.56 -20.69 4.99
C PRO A 194 3.64 -20.93 6.06
N GLU A 195 4.87 -21.17 5.62
CA GLU A 195 6.02 -21.29 6.51
C GLU A 195 6.56 -19.96 7.02
N ILE A 196 6.01 -18.83 6.56
CA ILE A 196 6.36 -17.52 7.09
C ILE A 196 5.27 -17.14 8.09
N LYS A 197 5.56 -17.36 9.38
CA LYS A 197 4.57 -17.19 10.45
C LYS A 197 4.41 -15.73 10.84
N ARG A 198 3.17 -15.24 10.79
CA ARG A 198 2.83 -13.87 11.17
C ARG A 198 2.00 -13.91 12.46
N THR A 199 2.46 -13.20 13.49
CA THR A 199 1.72 -13.05 14.76
C THR A 199 1.71 -11.59 15.22
N ALA A 200 0.54 -11.13 15.69
CA ALA A 200 0.37 -9.74 16.15
C ALA A 200 0.98 -9.53 17.53
N CYS B 18 -21.08 3.49 -11.96
CA CYS B 18 -21.32 3.64 -10.49
C CYS B 18 -20.16 3.07 -9.69
N ALA B 19 -19.91 1.76 -9.82
CA ALA B 19 -18.70 1.15 -9.26
C ALA B 19 -17.42 1.91 -9.68
N GLU B 20 -17.34 2.33 -10.93
CA GLU B 20 -16.19 3.12 -11.39
C GLU B 20 -15.96 4.43 -10.59
N MET B 21 -17.03 5.09 -10.16
CA MET B 21 -16.92 6.34 -9.41
C MET B 21 -16.27 6.15 -8.03
N MET B 22 -16.64 5.10 -7.29
CA MET B 22 -15.93 4.77 -6.05
C MET B 22 -14.44 4.52 -6.27
N ILE B 23 -14.11 3.82 -7.35
CA ILE B 23 -12.72 3.46 -7.65
C ILE B 23 -11.95 4.71 -8.08
N LYS B 24 -12.59 5.55 -8.89
CA LYS B 24 -12.06 6.88 -9.24
C LYS B 24 -11.74 7.73 -8.00
N LYS B 25 -12.65 7.77 -7.02
CA LYS B 25 -12.43 8.52 -5.76
C LYS B 25 -11.24 7.99 -4.96
N ALA B 26 -11.17 6.68 -4.79
CA ALA B 26 -10.03 6.05 -4.12
C ALA B 26 -8.73 6.36 -4.87
N ALA B 27 -8.74 6.31 -6.20
CA ALA B 27 -7.52 6.62 -6.96
C ALA B 27 -7.09 8.09 -6.73
N GLN B 28 -8.06 9.01 -6.73
CA GLN B 28 -7.77 10.42 -6.45
C GLN B 28 -7.07 10.61 -5.10
N LEU B 29 -7.60 9.96 -4.07
CA LEU B 29 -7.10 10.08 -2.70
C LEU B 29 -5.77 9.38 -2.46
N ILE B 30 -5.60 8.20 -3.04
CA ILE B 30 -4.42 7.36 -2.79
C ILE B 30 -3.33 7.52 -3.85
N LEU B 31 -3.71 7.55 -5.12
CA LEU B 31 -2.75 7.63 -6.24
C LEU B 31 -2.51 9.04 -6.73
N GLY B 32 -3.32 10.00 -6.28
CA GLY B 32 -3.23 11.39 -6.75
C GLY B 32 -3.53 11.49 -8.24
N SER B 33 -4.53 10.74 -8.68
CA SER B 33 -4.82 10.57 -10.09
C SER B 33 -6.29 10.23 -10.32
N ASP B 34 -6.83 10.70 -11.42
CA ASP B 34 -8.15 10.30 -11.85
C ASP B 34 -7.95 9.19 -12.87
N LEU B 35 -8.93 8.32 -12.99
CA LEU B 35 -8.88 7.24 -13.96
C LEU B 35 -9.90 7.51 -15.05
N ASP B 36 -9.54 7.16 -16.28
CA ASP B 36 -10.45 7.16 -17.41
C ASP B 36 -10.62 5.72 -17.88
N PHE B 37 -11.82 5.19 -17.66
CA PHE B 37 -12.23 3.89 -18.17
C PHE B 37 -12.69 4.06 -19.63
N GLU B 38 -11.77 3.83 -20.56
CA GLU B 38 -12.01 4.07 -21.99
C GLU B 38 -12.87 2.94 -22.57
N TYR B 39 -14.18 3.00 -22.32
CA TYR B 39 -15.13 2.00 -22.81
C TYR B 39 -15.61 2.33 -24.23
N THR B 40 -15.57 1.33 -25.13
CA THR B 40 -16.19 1.44 -26.47
C THR B 40 -17.35 0.45 -26.60
N ASP B 45 -23.49 -0.29 -18.10
CA ASP B 45 -24.91 -0.11 -17.79
C ASP B 45 -25.34 -0.80 -16.48
N ILE B 46 -24.95 -2.07 -16.31
CA ILE B 46 -25.44 -2.93 -15.23
C ILE B 46 -24.71 -2.67 -13.91
N GLN B 47 -25.39 -2.86 -12.78
CA GLN B 47 -24.77 -2.77 -11.45
C GLN B 47 -23.83 -3.94 -11.20
N VAL B 48 -22.73 -3.67 -10.50
CA VAL B 48 -21.66 -4.65 -10.28
C VAL B 48 -21.40 -4.82 -8.78
N ASP B 49 -21.24 -6.08 -8.37
CA ASP B 49 -20.75 -6.44 -7.05
C ASP B 49 -19.21 -6.36 -7.09
N LEU B 50 -18.63 -5.45 -6.31
CA LEU B 50 -17.18 -5.31 -6.24
C LEU B 50 -16.42 -6.45 -5.51
N GLY B 51 -17.11 -7.13 -4.61
CA GLY B 51 -16.54 -8.20 -3.77
C GLY B 51 -15.48 -9.08 -4.41
N PRO B 52 -15.79 -9.72 -5.56
CA PRO B 52 -14.82 -10.64 -6.15
C PRO B 52 -13.53 -9.99 -6.62
N ALA B 53 -13.52 -8.68 -6.85
CA ALA B 53 -12.25 -7.96 -7.16
C ALA B 53 -11.16 -8.11 -6.10
N PHE B 54 -11.53 -8.44 -4.87
CA PHE B 54 -10.60 -8.51 -3.75
C PHE B 54 -10.32 -9.94 -3.29
N MET B 55 -10.58 -10.94 -4.15
CA MET B 55 -10.26 -12.34 -3.83
C MET B 55 -8.75 -12.56 -3.72
N PHE B 56 -7.98 -11.82 -4.51
CA PHE B 56 -6.52 -11.91 -4.45
C PHE B 56 -5.87 -10.85 -3.51
N SER B 57 -6.65 -10.24 -2.63
CA SER B 57 -6.11 -9.31 -1.65
C SER B 57 -5.77 -10.11 -0.39
N PRO B 58 -4.59 -9.88 0.21
CA PRO B 58 -4.25 -10.68 1.39
C PRO B 58 -5.18 -10.39 2.59
N ASP B 59 -5.30 -11.35 3.47
CA ASP B 59 -6.08 -11.19 4.71
C ASP B 59 -5.54 -10.07 5.61
N GLU B 60 -4.26 -9.75 5.51
CA GLU B 60 -3.70 -8.63 6.27
C GLU B 60 -4.36 -7.29 5.88
N GLU B 61 -4.93 -7.18 4.67
CA GLU B 61 -5.67 -5.98 4.26
C GLU B 61 -7.18 -6.03 4.43
N LYS B 62 -7.69 -7.07 5.09
CA LYS B 62 -9.13 -7.26 5.30
C LYS B 62 -9.51 -7.14 6.79
N THR B 63 -10.65 -6.54 7.07
CA THR B 63 -11.16 -6.41 8.44
C THR B 63 -12.65 -6.66 8.43
N LEU B 64 -13.11 -7.61 9.23
CA LEU B 64 -14.54 -7.90 9.42
C LEU B 64 -14.99 -7.40 10.78
N TRP B 65 -15.95 -6.48 10.82
CA TRP B 65 -16.57 -6.03 12.09
C TRP B 65 -18.01 -6.53 12.16
N VAL B 66 -18.42 -6.94 13.36
CA VAL B 66 -19.82 -7.37 13.59
C VAL B 66 -20.41 -6.54 14.75
N SER B 67 -21.41 -5.71 14.41
CA SER B 67 -22.03 -4.76 15.34
C SER B 67 -23.50 -5.09 15.62
N GLY B 68 -23.96 -4.73 16.82
CA GLY B 68 -25.38 -4.71 17.17
C GLY B 68 -25.96 -3.32 16.96
N LYS B 69 -27.17 -3.10 17.47
CA LYS B 69 -27.86 -1.81 17.29
C LYS B 69 -27.16 -0.65 18.00
N ASN B 70 -26.48 -0.95 19.11
CA ASN B 70 -25.82 0.08 19.92
C ASN B 70 -24.72 0.84 19.18
N GLN B 71 -24.91 2.16 19.13
CA GLN B 71 -24.08 3.14 18.46
C GLN B 71 -22.58 3.01 18.77
N GLU B 72 -22.26 2.69 20.02
CA GLU B 72 -20.88 2.74 20.51
C GLU B 72 -19.89 1.77 19.87
N THR B 73 -20.36 0.58 19.51
CA THR B 73 -19.46 -0.45 18.99
C THR B 73 -18.85 -0.08 17.61
N LEU B 74 -19.65 0.52 16.71
CA LEU B 74 -19.15 0.97 15.41
C LEU B 74 -18.19 2.13 15.54
N GLU B 75 -18.59 3.15 16.29
CA GLU B 75 -17.73 4.32 16.49
C GLU B 75 -16.40 4.02 17.22
N LYS B 76 -16.37 2.97 18.05
CA LYS B 76 -15.12 2.51 18.66
C LYS B 76 -14.28 1.70 17.67
N ASP B 77 -14.96 0.87 16.86
CA ASP B 77 -14.31 0.22 15.72
C ASP B 77 -13.65 1.25 14.81
N LEU B 78 -14.41 2.27 14.39
CA LEU B 78 -13.90 3.34 13.50
C LEU B 78 -12.70 4.07 14.06
N ALA B 79 -12.72 4.33 15.37
CA ALA B 79 -11.61 5.03 16.05
C ALA B 79 -10.28 4.26 16.05
N THR B 80 -10.32 2.96 15.78
CA THR B 80 -9.10 2.16 15.60
C THR B 80 -8.42 2.42 14.24
N LEU B 81 -9.20 2.83 13.23
CA LEU B 81 -8.67 3.06 11.88
C LEU B 81 -7.71 4.23 11.85
N ASN B 82 -6.63 4.07 11.08
CA ASN B 82 -5.64 5.13 10.84
C ASN B 82 -6.27 6.16 9.89
N LYS B 83 -6.19 7.44 10.25
CA LYS B 83 -6.94 8.47 9.51
C LYS B 83 -6.34 8.86 8.14
N SER B 84 -5.15 8.35 7.82
CA SER B 84 -4.53 8.48 6.50
C SER B 84 -5.00 7.40 5.54
N SER B 85 -5.65 6.37 6.06
CA SER B 85 -6.08 5.22 5.27
C SER B 85 -7.46 5.38 4.62
N VAL B 86 -7.61 4.72 3.48
CA VAL B 86 -8.82 4.67 2.71
C VAL B 86 -9.16 3.19 2.51
N TYR B 87 -10.45 2.88 2.57
CA TYR B 87 -10.92 1.52 2.52
C TYR B 87 -12.07 1.41 1.55
N PHE B 88 -12.17 0.25 0.93
CA PHE B 88 -13.38 -0.14 0.24
C PHE B 88 -14.20 -0.78 1.35
N PHE B 89 -15.42 -0.31 1.50
CA PHE B 89 -16.17 -0.51 2.71
C PHE B 89 -17.50 -1.11 2.37
N ARG B 90 -17.78 -2.25 2.94
CA ARG B 90 -19.00 -2.95 2.63
C ARG B 90 -19.88 -2.99 3.89
N THR B 91 -21.10 -2.47 3.76
CA THR B 91 -22.03 -2.30 4.87
C THR B 91 -23.31 -3.06 4.61
N GLY B 92 -23.78 -3.80 5.61
CA GLY B 92 -25.11 -4.40 5.57
C GLY B 92 -25.45 -5.20 6.81
N THR B 93 -26.58 -5.91 6.77
CA THR B 93 -26.98 -6.82 7.85
C THR B 93 -26.06 -8.04 7.81
N GLN B 94 -25.88 -8.71 8.94
CA GLN B 94 -24.84 -9.75 9.08
C GLN B 94 -24.92 -10.85 8.00
N GLY B 95 -26.11 -11.38 7.79
CA GLY B 95 -26.35 -12.35 6.73
C GLY B 95 -26.60 -11.71 5.38
N GLY B 96 -27.17 -10.51 5.37
CA GLY B 96 -27.71 -9.88 4.16
C GLY B 96 -26.72 -9.46 3.10
N ALA B 97 -27.25 -8.78 2.08
CA ALA B 97 -26.46 -8.27 0.96
C ALA B 97 -25.68 -7.04 1.40
N GLY B 98 -24.66 -6.70 0.61
CA GLY B 98 -23.75 -5.62 0.94
C GLY B 98 -23.89 -4.45 -0.01
N HIS B 99 -23.63 -3.27 0.51
CA HIS B 99 -23.42 -2.09 -0.31
C HIS B 99 -21.95 -1.67 -0.19
N TRP B 100 -21.26 -1.59 -1.34
CA TRP B 100 -19.86 -1.14 -1.37
C TRP B 100 -19.74 0.36 -1.49
N GLN B 101 -18.78 0.91 -0.74
CA GLN B 101 -18.49 2.35 -0.81
C GLN B 101 -17.03 2.57 -0.44
N VAL B 102 -16.56 3.80 -0.61
CA VAL B 102 -15.22 4.18 -0.19
C VAL B 102 -15.34 4.88 1.16
N LEU B 103 -14.55 4.42 2.13
CA LEU B 103 -14.49 5.00 3.45
C LEU B 103 -13.17 5.78 3.54
N TYR B 104 -13.28 7.07 3.87
CA TYR B 104 -12.10 7.91 4.02
C TYR B 104 -12.34 9.07 5.01
N TYR B 105 -11.29 9.50 5.69
CA TYR B 105 -11.38 10.61 6.68
C TYR B 105 -11.09 11.93 5.97
N GLU B 106 -12.08 12.81 5.92
CA GLU B 106 -11.91 14.15 5.35
C GLU B 106 -11.63 15.17 6.47
N ALA B 107 -10.45 15.79 6.42
CA ALA B 107 -10.00 16.73 7.44
C ALA B 107 -10.84 18.01 7.46
N ALA B 108 -11.23 18.51 6.29
CA ALA B 108 -12.11 19.70 6.20
C ALA B 108 -13.49 19.55 6.87
N LYS B 109 -13.94 18.32 7.13
CA LYS B 109 -15.19 18.02 7.87
C LYS B 109 -14.95 17.35 9.25
N SER B 110 -13.70 17.04 9.60
CA SER B 110 -13.35 16.44 10.88
C SER B 110 -14.12 15.14 11.16
N GLY B 111 -14.16 14.25 10.16
CA GLY B 111 -14.87 12.99 10.31
C GLY B 111 -14.70 12.02 9.15
N TRP B 112 -15.09 10.77 9.41
CA TRP B 112 -15.09 9.72 8.39
C TRP B 112 -16.22 9.96 7.42
N VAL B 113 -15.93 9.72 6.14
CA VAL B 113 -16.88 9.94 5.05
C VAL B 113 -17.07 8.65 4.27
N SER B 114 -18.31 8.44 3.84
CA SER B 114 -18.68 7.35 2.96
C SER B 114 -19.02 7.92 1.60
N TYR B 115 -18.38 7.38 0.56
CA TYR B 115 -18.64 7.82 -0.82
C TYR B 115 -18.96 6.62 -1.75
N SER B 116 -20.18 6.61 -2.29
CA SER B 116 -20.62 5.67 -3.31
C SER B 116 -20.67 6.26 -4.72
N SER B 117 -21.05 7.53 -4.84
CA SER B 117 -21.14 8.20 -6.15
C SER B 117 -21.27 9.70 -5.98
N GLN B 118 -21.40 10.41 -7.10
CA GLN B 118 -21.73 11.84 -7.11
C GLN B 118 -22.96 12.16 -6.25
N SER B 119 -24.01 11.37 -6.47
CA SER B 119 -25.33 11.57 -5.84
C SER B 119 -25.61 10.65 -4.64
N ASN B 120 -24.56 10.10 -4.03
CA ASN B 120 -24.70 9.27 -2.82
C ASN B 120 -23.39 9.26 -2.00
N HIS B 121 -23.26 10.23 -1.10
CA HIS B 121 -22.16 10.30 -0.13
C HIS B 121 -22.58 11.01 1.14
N PHE B 122 -21.97 10.65 2.27
CA PHE B 122 -22.37 11.22 3.57
C PHE B 122 -21.28 11.10 4.62
N GLN B 123 -21.34 12.03 5.58
CA GLN B 123 -20.43 12.01 6.70
C GLN B 123 -20.91 10.95 7.70
N VAL B 124 -19.99 10.11 8.16
CA VAL B 124 -20.32 9.00 9.05
C VAL B 124 -20.10 9.37 10.52
N THR B 125 -19.02 10.10 10.80
CA THR B 125 -18.68 10.54 12.15
C THR B 125 -18.42 12.02 12.20
N ASP B 126 -18.55 12.59 13.41
CA ASP B 126 -18.43 14.05 13.65
C ASP B 126 -17.10 14.38 14.33
N SER B 127 -16.92 15.64 14.71
CA SER B 127 -15.74 16.14 15.47
C SER B 127 -15.28 15.24 16.64
N ASN B 128 -16.23 14.72 17.40
CA ASN B 128 -15.95 13.89 18.58
C ASN B 128 -15.69 12.42 18.32
N GLY B 129 -15.99 11.96 17.09
CA GLY B 129 -15.82 10.57 16.68
C GLY B 129 -17.07 9.74 16.86
N LYS B 130 -18.22 10.40 16.99
CA LYS B 130 -19.48 9.74 17.22
C LYS B 130 -20.32 9.78 15.95
N LEU B 131 -21.23 8.82 15.81
CA LEU B 131 -22.00 8.67 14.58
C LEU B 131 -22.98 9.82 14.32
N THR B 132 -22.99 10.30 13.09
CA THR B 132 -23.98 11.29 12.63
C THR B 132 -25.29 10.58 12.35
N ALA B 133 -26.34 11.35 12.03
CA ALA B 133 -27.64 10.79 11.66
C ALA B 133 -27.51 9.82 10.51
N SER B 134 -26.75 10.20 9.49
CA SER B 134 -26.45 9.32 8.36
C SER B 134 -25.68 8.09 8.85
N GLY B 135 -24.63 8.34 9.62
CA GLY B 135 -23.83 7.26 10.24
C GLY B 135 -24.64 6.21 10.97
N LYS B 136 -25.59 6.69 11.77
CA LYS B 136 -26.56 5.85 12.50
C LYS B 136 -27.45 5.02 11.59
N GLY B 137 -27.66 5.48 10.36
CA GLY B 137 -28.32 4.69 9.30
C GLY B 137 -27.67 3.38 8.88
N LEU B 138 -26.42 3.15 9.32
CA LEU B 138 -25.72 1.86 9.11
C LEU B 138 -26.11 0.80 10.14
N LEU B 139 -26.87 1.19 11.16
CA LEU B 139 -27.44 0.29 12.16
C LEU B 139 -28.96 0.39 12.12
N TYR B 152 -25.48 -6.64 12.30
CA TYR B 152 -24.84 -5.85 11.23
C TYR B 152 -23.38 -6.27 10.99
N ALA B 153 -23.00 -6.44 9.73
CA ALA B 153 -21.62 -6.80 9.37
C ALA B 153 -21.00 -5.76 8.45
N PHE B 154 -19.71 -5.51 8.69
CA PHE B 154 -18.94 -4.55 7.92
C PHE B 154 -17.64 -5.21 7.44
N LEU B 155 -17.34 -5.10 6.15
CA LEU B 155 -16.06 -5.57 5.61
C LEU B 155 -15.28 -4.36 5.12
N LEU B 156 -14.04 -4.22 5.59
CA LEU B 156 -13.11 -3.19 5.13
C LEU B 156 -11.93 -3.82 4.40
N VAL B 157 -11.72 -3.40 3.15
CA VAL B 157 -10.58 -3.84 2.38
C VAL B 157 -9.73 -2.62 2.13
N ASN B 158 -8.46 -2.65 2.53
CA ASN B 158 -7.59 -1.48 2.34
C ASN B 158 -7.50 -1.07 0.86
N ALA B 159 -7.71 0.21 0.59
CA ALA B 159 -7.64 0.73 -0.78
C ALA B 159 -6.18 1.09 -1.08
N SER B 160 -5.34 0.05 -1.08
CA SER B 160 -3.95 0.17 -1.49
C SER B 160 -3.95 0.33 -2.98
N ALA B 161 -2.82 0.78 -3.51
CA ALA B 161 -2.69 0.90 -4.94
C ALA B 161 -3.08 -0.40 -5.66
N GLU B 162 -2.66 -1.53 -5.10
CA GLU B 162 -2.89 -2.79 -5.73
C GLU B 162 -4.38 -3.17 -5.69
N ASN B 163 -5.07 -2.87 -4.59
CA ASN B 163 -6.49 -3.12 -4.52
C ASN B 163 -7.34 -2.19 -5.38
N ILE B 164 -6.88 -0.95 -5.57
CA ILE B 164 -7.49 -0.02 -6.52
C ILE B 164 -7.32 -0.56 -7.94
N ILE B 165 -6.13 -1.08 -8.22
CA ILE B 165 -5.83 -1.68 -9.49
C ILE B 165 -6.75 -2.90 -9.73
N HIS B 166 -6.81 -3.83 -8.78
CA HIS B 166 -7.71 -4.97 -8.90
C HIS B 166 -9.18 -4.59 -9.14
N ALA B 167 -9.68 -3.63 -8.36
CA ALA B 167 -11.04 -3.16 -8.53
C ALA B 167 -11.31 -2.58 -9.94
N ALA B 168 -10.43 -1.70 -10.39
CA ALA B 168 -10.53 -1.11 -11.73
C ALA B 168 -10.48 -2.15 -12.85
N ASN B 169 -9.53 -3.07 -12.76
CA ASN B 169 -9.36 -4.15 -13.72
C ASN B 169 -10.53 -5.13 -13.70
N PHE B 170 -10.99 -5.44 -12.50
CA PHE B 170 -12.10 -6.37 -12.35
C PHE B 170 -13.36 -5.79 -13.03
N VAL B 171 -13.67 -4.52 -12.72
CA VAL B 171 -14.85 -3.87 -13.30
C VAL B 171 -14.73 -3.73 -14.81
N TYR B 172 -13.57 -3.26 -15.27
CA TYR B 172 -13.32 -3.10 -16.71
C TYR B 172 -13.45 -4.42 -17.50
N ILE B 173 -12.84 -5.50 -17.01
CA ILE B 173 -12.92 -6.78 -17.71
C ILE B 173 -14.32 -7.40 -17.58
N LEU B 174 -14.95 -7.25 -16.43
CA LEU B 174 -16.32 -7.71 -16.25
C LEU B 174 -17.24 -7.10 -17.34
N ARG B 175 -17.13 -5.79 -17.56
CA ARG B 175 -18.02 -5.09 -18.48
C ARG B 175 -17.73 -5.37 -19.96
N THR B 176 -16.45 -5.47 -20.32
CA THR B 176 -16.06 -5.65 -21.71
C THR B 176 -16.00 -7.13 -22.09
N GLN B 177 -15.93 -8.02 -21.10
CA GLN B 177 -15.91 -9.45 -21.37
C GLN B 177 -16.91 -10.17 -20.49
N ASN B 178 -16.46 -10.69 -19.35
CA ASN B 178 -17.30 -11.46 -18.45
C ASN B 178 -16.58 -11.64 -17.12
N GLU B 179 -17.32 -12.14 -16.15
CA GLU B 179 -16.84 -12.24 -14.78
C GLU B 179 -15.75 -13.28 -14.60
N VAL B 180 -15.80 -14.35 -15.38
CA VAL B 180 -14.77 -15.38 -15.34
C VAL B 180 -13.45 -14.81 -15.83
N ALA B 181 -13.48 -14.07 -16.94
CA ALA B 181 -12.30 -13.39 -17.48
C ALA B 181 -11.77 -12.37 -16.47
N ALA B 182 -12.69 -11.69 -15.77
CA ALA B 182 -12.33 -10.66 -14.81
C ALA B 182 -11.54 -11.22 -13.62
N ILE B 183 -11.98 -12.35 -13.07
CA ILE B 183 -11.25 -12.99 -11.98
C ILE B 183 -9.92 -13.60 -12.47
N GLU B 184 -9.90 -14.16 -13.68
CA GLU B 184 -8.66 -14.69 -14.24
C GLU B 184 -7.64 -13.57 -14.44
N TYR B 185 -8.12 -12.41 -14.89
CA TYR B 185 -7.25 -11.26 -15.11
C TYR B 185 -6.65 -10.77 -13.78
N CYS B 186 -7.47 -10.66 -12.74
CA CYS B 186 -6.98 -10.29 -11.41
C CYS B 186 -5.99 -11.30 -10.80
N ALA B 187 -6.12 -12.57 -11.13
CA ALA B 187 -5.21 -13.59 -10.65
C ALA B 187 -3.73 -13.41 -11.11
N LEU B 188 -3.53 -12.68 -12.21
CA LEU B 188 -2.26 -12.57 -12.88
C LEU B 188 -1.69 -11.15 -13.05
N ASN B 189 -2.56 -10.15 -13.04
CA ASN B 189 -2.18 -8.80 -13.43
C ASN B 189 -2.05 -7.88 -12.25
N HIS B 190 -0.92 -7.19 -12.19
CA HIS B 190 -0.57 -6.31 -11.08
C HIS B 190 -0.57 -4.83 -11.43
N GLU B 191 -0.73 -4.48 -12.71
CA GLU B 191 -0.79 -3.10 -13.14
C GLU B 191 -2.19 -2.84 -13.75
N PHE B 192 -2.56 -1.56 -13.83
CA PHE B 192 -3.79 -1.19 -14.53
C PHE B 192 -3.79 -1.78 -15.94
N HIS B 193 -4.95 -2.24 -16.37
CA HIS B 193 -5.21 -2.55 -17.77
C HIS B 193 -4.84 -1.31 -18.64
N PRO B 194 -4.18 -1.51 -19.79
CA PRO B 194 -3.72 -0.39 -20.66
C PRO B 194 -4.79 0.62 -21.14
N GLU B 195 -6.02 0.13 -21.30
CA GLU B 195 -7.21 0.95 -21.51
C GLU B 195 -7.79 1.71 -20.30
N ILE B 196 -7.15 1.63 -19.14
CA ILE B 196 -7.55 2.41 -17.99
C ILE B 196 -6.52 3.51 -17.83
N LYS B 197 -6.79 4.69 -18.40
CA LYS B 197 -5.81 5.78 -18.46
C LYS B 197 -5.80 6.54 -17.14
N ARG B 198 -4.61 6.82 -16.63
CA ARG B 198 -4.45 7.52 -15.37
C ARG B 198 -3.64 8.79 -15.60
N THR B 199 -4.36 9.89 -15.83
CA THR B 199 -3.75 11.18 -16.08
C THR B 199 -3.36 11.82 -14.74
N ALA B 200 -2.05 11.95 -14.49
CA ALA B 200 -1.52 12.53 -13.26
C ALA B 200 -1.58 14.04 -13.29
#